data_3I2V
#
_entry.id   3I2V
#
_cell.length_a   36.817
_cell.length_b   31.911
_cell.length_c   50.640
_cell.angle_alpha   90.00
_cell.angle_beta   110.16
_cell.angle_gamma   90.00
#
_symmetry.space_group_name_H-M   'P 1 21 1'
#
loop_
_entity.id
_entity.type
_entity.pdbx_description
1 polymer 'Adenylyltransferase and sulfurtransferase MOCS3'
2 water water
#
_entity_poly.entity_id   1
_entity_poly.type   'polypeptide(L)'
_entity_poly.pdbx_seq_one_letter_code
;SRVSVTDYKRLLDSGAFHLLLDVRPQVEVDICRLPHALHIPLKHLERRDAESLKLLKEAIWEEKQGTQEGAAVPIYVICK
LGNDSQKAVKILQSLSAAQELDPLTVRDVVGGL(MSE)AWAAKIDGTFPQY
;
_entity_poly.pdbx_strand_id   A
#
# COMPACT_ATOMS: atom_id res chain seq x y z
N SER A 1 12.75 5.02 -1.69
CA SER A 1 12.00 3.89 -1.14
C SER A 1 10.93 3.57 -2.17
N ARG A 2 11.36 3.06 -3.35
CA ARG A 2 10.43 2.79 -4.45
C ARG A 2 10.70 1.40 -5.02
N VAL A 3 9.77 0.92 -5.83
CA VAL A 3 9.89 -0.36 -6.53
C VAL A 3 9.34 -0.17 -7.93
N SER A 4 9.98 -0.79 -8.93
CA SER A 4 9.41 -0.73 -10.30
C SER A 4 8.14 -1.57 -10.37
N VAL A 5 7.27 -1.26 -11.33
CA VAL A 5 6.01 -1.99 -11.40
C VAL A 5 6.27 -3.47 -11.79
N THR A 6 7.30 -3.70 -12.61
CA THR A 6 7.62 -5.06 -13.03
C THR A 6 8.22 -5.88 -11.86
N ASP A 7 9.02 -5.27 -10.99
CA ASP A 7 9.47 -5.94 -9.79
C ASP A 7 8.29 -6.22 -8.84
N TYR A 8 7.35 -5.26 -8.72
CA TYR A 8 6.21 -5.50 -7.86
C TYR A 8 5.39 -6.69 -8.42
N LYS A 9 5.18 -6.74 -9.74
CA LYS A 9 4.43 -7.84 -10.31
C LYS A 9 5.12 -9.20 -10.05
N ARG A 10 6.44 -9.24 -10.14
CA ARG A 10 7.16 -10.50 -9.84
C ARG A 10 6.98 -10.89 -8.36
N LEU A 11 7.11 -9.93 -7.46
CA LEU A 11 6.79 -10.22 -6.06
C LEU A 11 5.36 -10.71 -5.83
N LEU A 12 4.41 -10.07 -6.44
CA LEU A 12 3.03 -10.47 -6.30
C LEU A 12 2.86 -11.93 -6.78
N ASP A 13 3.47 -12.25 -7.91
CA ASP A 13 3.31 -13.58 -8.53
C ASP A 13 4.05 -14.66 -7.77
N SER A 14 4.99 -14.28 -6.89
CA SER A 14 5.63 -15.25 -6.03
C SER A 14 4.74 -15.80 -4.93
N GLY A 15 3.70 -15.05 -4.58
CA GLY A 15 2.84 -15.37 -3.45
C GLY A 15 3.46 -15.11 -2.10
N ALA A 16 4.63 -14.50 -2.06
CA ALA A 16 5.25 -14.19 -0.78
C ALA A 16 4.43 -13.13 -0.04
N PHE A 17 4.40 -13.20 1.26
CA PHE A 17 3.59 -12.27 2.01
C PHE A 17 4.08 -10.82 1.88
N HIS A 18 3.12 -9.95 1.67
CA HIS A 18 3.31 -8.50 1.74
C HIS A 18 1.93 -7.90 1.90
N LEU A 19 1.87 -6.61 2.14
CA LEU A 19 0.60 -5.89 2.00
C LEU A 19 0.76 -4.79 0.99
N LEU A 20 -0.15 -4.73 0.03
CA LEU A 20 -0.22 -3.61 -0.91
C LEU A 20 -1.29 -2.65 -0.33
N LEU A 21 -0.88 -1.39 -0.09
CA LEU A 21 -1.77 -0.36 0.40
C LEU A 21 -2.12 0.59 -0.71
N ASP A 22 -3.40 0.66 -1.02
CA ASP A 22 -3.91 1.60 -2.02
C ASP A 22 -4.28 2.87 -1.25
N VAL A 23 -3.58 3.97 -1.55
CA VAL A 23 -3.74 5.20 -0.76
C VAL A 23 -4.50 6.27 -1.50
N ARG A 24 -5.23 5.88 -2.53
CA ARG A 24 -6.04 6.84 -3.29
C ARG A 24 -7.27 7.22 -2.46
N PRO A 25 -7.89 8.37 -2.78
CA PRO A 25 -9.17 8.70 -2.16
C PRO A 25 -10.27 7.75 -2.60
N GLN A 26 -11.35 7.70 -1.83
CA GLN A 26 -12.48 6.83 -2.11
C GLN A 26 -13.01 6.97 -3.53
N VAL A 27 -13.11 8.20 -4.05
CA VAL A 27 -13.73 8.43 -5.34
C VAL A 27 -12.98 7.65 -6.42
N GLU A 28 -11.66 7.57 -6.32
CA GLU A 28 -10.87 6.84 -7.32
C GLU A 28 -10.99 5.33 -7.15
N VAL A 29 -10.96 4.89 -5.91
CA VAL A 29 -11.07 3.50 -5.57
C VAL A 29 -12.42 2.97 -6.03
N ASP A 30 -13.45 3.81 -6.03
CA ASP A 30 -14.79 3.41 -6.49
C ASP A 30 -14.82 3.15 -7.99
N ILE A 31 -13.93 3.79 -8.74
CA ILE A 31 -13.90 3.54 -10.17
C ILE A 31 -13.29 2.15 -10.43
N CYS A 32 -12.09 1.91 -9.88
CA CYS A 32 -11.41 0.64 -10.17
C CYS A 32 -10.35 0.42 -9.10
N ARG A 33 -9.99 -0.82 -8.83
CA ARG A 33 -8.97 -1.13 -7.82
C ARG A 33 -8.41 -2.52 -8.05
N LEU A 34 -7.24 -2.80 -7.50
CA LEU A 34 -6.71 -4.14 -7.41
C LEU A 34 -7.34 -4.78 -6.16
N PRO A 35 -8.13 -5.87 -6.31
CA PRO A 35 -8.86 -6.46 -5.18
C PRO A 35 -7.99 -6.93 -3.99
N HIS A 36 -6.73 -7.29 -4.20
CA HIS A 36 -5.92 -7.72 -3.06
C HIS A 36 -5.40 -6.57 -2.20
N ALA A 37 -5.47 -5.32 -2.68
CA ALA A 37 -4.91 -4.20 -1.92
C ALA A 37 -5.81 -3.88 -0.72
N LEU A 38 -5.17 -3.37 0.33
CA LEU A 38 -5.88 -2.79 1.45
C LEU A 38 -6.04 -1.30 1.17
N HIS A 39 -7.25 -0.76 1.30
CA HIS A 39 -7.49 0.64 1.03
C HIS A 39 -7.31 1.49 2.28
N ILE A 40 -6.32 2.36 2.26
CA ILE A 40 -6.15 3.34 3.32
C ILE A 40 -5.81 4.65 2.69
N PRO A 41 -6.80 5.55 2.59
CA PRO A 41 -6.55 6.82 1.90
C PRO A 41 -5.39 7.58 2.52
N LEU A 42 -4.60 8.24 1.68
CA LEU A 42 -3.53 9.11 2.17
C LEU A 42 -4.06 10.01 3.28
N LYS A 43 -5.23 10.62 3.11
CA LYS A 43 -5.76 11.58 4.10
C LYS A 43 -5.97 10.91 5.48
N HIS A 44 -6.32 9.63 5.50
CA HIS A 44 -6.42 8.89 6.76
C HIS A 44 -5.06 8.72 7.43
N LEU A 45 -4.01 8.49 6.67
CA LEU A 45 -2.70 8.42 7.22
C LEU A 45 -2.30 9.81 7.73
N GLU A 46 -2.57 10.85 6.93
CA GLU A 46 -2.22 12.24 7.32
C GLU A 46 -2.86 12.62 8.64
N ARG A 47 -4.14 12.27 8.77
CA ARG A 47 -4.96 12.69 9.94
C ARG A 47 -4.97 11.64 11.05
N ARG A 48 -4.11 10.62 10.92
CA ARG A 48 -3.97 9.56 11.92
C ARG A 48 -5.29 8.93 12.28
N ASP A 49 -6.06 8.57 11.28
CA ASP A 49 -7.31 7.86 11.48
C ASP A 49 -6.98 6.58 12.29
N ALA A 50 -7.49 6.51 13.52
CA ALA A 50 -7.17 5.39 14.41
C ALA A 50 -7.73 4.09 13.82
N GLU A 51 -8.86 4.18 13.13
CA GLU A 51 -9.48 2.98 12.58
CA GLU A 51 -9.53 3.02 12.53
C GLU A 51 -8.73 2.44 11.38
N SER A 52 -8.10 3.30 10.58
CA SER A 52 -7.34 2.77 9.44
CA SER A 52 -7.35 2.74 9.46
C SER A 52 -6.03 2.16 9.99
N LEU A 53 -5.51 2.71 11.06
CA LEU A 53 -4.35 2.14 11.74
C LEU A 53 -4.68 0.73 12.29
N LYS A 54 -5.87 0.60 12.84
CA LYS A 54 -6.37 -0.67 13.31
C LYS A 54 -6.49 -1.66 12.15
N LEU A 55 -7.03 -1.20 11.03
CA LEU A 55 -7.09 -2.03 9.85
C LEU A 55 -5.71 -2.59 9.43
N LEU A 56 -4.68 -1.76 9.46
CA LEU A 56 -3.35 -2.19 9.09
C LEU A 56 -2.80 -3.20 10.09
N LYS A 57 -2.94 -2.90 11.39
CA LYS A 57 -2.55 -3.85 12.43
C LYS A 57 -3.25 -5.20 12.31
N GLU A 58 -4.55 -5.18 11.99
CA GLU A 58 -5.33 -6.40 11.82
CA GLU A 58 -5.34 -6.40 11.81
C GLU A 58 -4.88 -7.24 10.61
N ALA A 59 -4.56 -6.57 9.51
CA ALA A 59 -4.05 -7.26 8.32
C ALA A 59 -2.71 -7.97 8.62
N ILE A 60 -1.86 -7.29 9.37
CA ILE A 60 -0.57 -7.87 9.77
C ILE A 60 -0.78 -9.06 10.70
N TRP A 61 -1.70 -8.89 11.65
CA TRP A 61 -1.96 -9.94 12.63
C TRP A 61 -2.53 -11.19 11.94
N GLU A 62 -3.31 -10.99 10.89
CA GLU A 62 -3.86 -12.14 10.21
C GLU A 62 -2.76 -13.09 9.73
N GLU A 63 -1.66 -12.54 9.22
CA GLU A 63 -0.54 -13.37 8.81
C GLU A 63 0.30 -13.85 9.97
N LYS A 64 0.59 -12.94 10.91
CA LYS A 64 1.77 -13.10 11.80
C LYS A 64 1.38 -13.45 13.22
N GLN A 65 0.16 -13.11 13.61
CA GLN A 65 -0.32 -13.31 15.00
C GLN A 65 0.63 -12.82 16.11
N GLY A 66 1.18 -11.59 15.95
CA GLY A 66 2.08 -11.07 16.98
C GLY A 66 3.45 -11.70 17.09
N THR A 67 3.88 -12.47 16.09
CA THR A 67 5.18 -13.17 16.17
C THR A 67 6.29 -12.51 15.34
N ALA A 71 10.84 -10.65 10.88
CA ALA A 71 11.15 -9.68 9.84
C ALA A 71 10.23 -8.45 9.82
N ALA A 72 10.81 -7.30 9.49
CA ALA A 72 9.97 -6.17 9.10
C ALA A 72 8.95 -6.59 8.07
N VAL A 73 7.72 -6.12 8.21
CA VAL A 73 6.67 -6.41 7.24
C VAL A 73 6.87 -5.66 5.92
N PRO A 74 6.88 -6.39 4.78
CA PRO A 74 6.98 -5.68 3.50
C PRO A 74 5.66 -4.99 3.15
N ILE A 75 5.70 -3.67 3.09
CA ILE A 75 4.53 -2.89 2.74
C ILE A 75 4.83 -2.20 1.42
N TYR A 76 3.91 -2.35 0.46
CA TYR A 76 4.03 -1.67 -0.82
C TYR A 76 2.85 -0.70 -0.88
N VAL A 77 3.06 0.44 -1.53
CA VAL A 77 2.12 1.55 -1.51
C VAL A 77 1.88 1.92 -2.97
N ILE A 78 0.61 2.09 -3.34
CA ILE A 78 0.30 2.49 -4.70
C ILE A 78 -0.80 3.55 -4.76
N CYS A 79 -0.72 4.41 -5.77
CA CYS A 79 -1.84 5.31 -6.08
C CYS A 79 -1.92 5.46 -7.60
N LYS A 80 -2.64 6.45 -8.11
CA LYS A 80 -2.87 6.49 -9.54
C LYS A 80 -1.59 6.61 -10.37
N LEU A 81 -0.70 7.54 -9.98
CA LEU A 81 0.47 7.87 -10.80
C LEU A 81 1.76 7.78 -10.03
N GLY A 82 1.67 7.56 -8.72
CA GLY A 82 2.87 7.52 -7.92
C GLY A 82 3.19 8.83 -7.28
N ASN A 83 2.29 9.81 -7.34
CA ASN A 83 2.50 11.10 -6.68
C ASN A 83 2.08 10.98 -5.16
N ASP A 84 0.86 10.56 -4.88
CA ASP A 84 0.39 10.43 -3.46
C ASP A 84 1.18 9.38 -2.68
N SER A 85 1.56 8.29 -3.35
CA SER A 85 2.13 7.17 -2.62
C SER A 85 3.44 7.55 -1.92
N GLN A 86 4.22 8.43 -2.53
CA GLN A 86 5.45 8.85 -1.93
C GLN A 86 5.24 9.53 -0.57
N LYS A 87 4.18 10.31 -0.45
CA LYS A 87 3.80 10.95 0.80
C LYS A 87 3.32 9.93 1.86
N ALA A 88 2.61 8.90 1.41
CA ALA A 88 2.16 7.86 2.33
C ALA A 88 3.36 7.08 2.86
N VAL A 89 4.32 6.77 1.98
CA VAL A 89 5.51 6.05 2.44
C VAL A 89 6.17 6.75 3.61
N LYS A 90 6.37 8.06 3.49
CA LYS A 90 6.99 8.82 4.58
C LYS A 90 6.23 8.65 5.91
N ILE A 91 4.91 8.76 5.88
CA ILE A 91 4.09 8.64 7.11
C ILE A 91 4.19 7.23 7.70
N LEU A 92 4.14 6.22 6.84
CA LEU A 92 4.25 4.85 7.30
C LEU A 92 5.61 4.55 7.92
N GLN A 93 6.67 5.09 7.31
CA GLN A 93 8.00 4.94 7.90
C GLN A 93 8.13 5.59 9.28
N SER A 94 7.44 6.71 9.46
CA SER A 94 7.42 7.40 10.76
C SER A 94 6.63 6.66 11.84
N LEU A 95 5.53 6.02 11.45
CA LEU A 95 4.74 5.19 12.35
C LEU A 95 5.56 4.00 12.79
N SER A 96 6.24 3.38 11.83
CA SER A 96 7.15 2.27 12.12
C SER A 96 8.22 2.69 13.12
N ALA A 97 8.95 3.76 12.77
CA ALA A 97 10.06 4.24 13.60
C ALA A 97 9.62 4.62 15.00
N ALA A 98 8.38 5.08 15.15
CA ALA A 98 7.82 5.50 16.44
C ALA A 98 7.25 4.33 17.23
N GLN A 99 7.33 3.15 16.64
CA GLN A 99 6.73 1.94 17.22
C GLN A 99 5.22 1.99 17.44
N GLU A 100 4.51 2.78 16.62
CA GLU A 100 3.05 2.82 16.63
C GLU A 100 2.55 1.68 15.77
N LEU A 101 3.44 1.27 14.88
CA LEU A 101 3.25 0.07 14.07
C LEU A 101 4.41 -0.91 14.33
N ASP A 102 4.18 -2.20 14.11
CA ASP A 102 5.27 -3.18 14.03
C ASP A 102 6.28 -2.70 12.99
N PRO A 103 7.50 -3.21 13.05
CA PRO A 103 8.47 -2.73 12.05
C PRO A 103 8.01 -3.04 10.63
N LEU A 104 8.21 -2.06 9.74
CA LEU A 104 7.77 -2.14 8.36
C LEU A 104 8.95 -1.83 7.44
N THR A 105 8.97 -2.43 6.24
CA THR A 105 9.82 -1.96 5.17
C THR A 105 8.90 -1.49 4.06
N VAL A 106 8.96 -0.22 3.68
CA VAL A 106 7.90 0.43 2.94
C VAL A 106 8.45 0.96 1.63
N ARG A 107 7.76 0.66 0.50
CA ARG A 107 8.18 1.12 -0.83
CA ARG A 107 8.17 1.10 -0.84
C ARG A 107 6.94 1.47 -1.64
N ASP A 108 7.01 2.51 -2.48
CA ASP A 108 5.87 2.75 -3.38
C ASP A 108 6.19 2.34 -4.83
N VAL A 109 5.12 2.13 -5.59
CA VAL A 109 5.26 1.60 -6.94
C VAL A 109 5.40 2.77 -7.92
N VAL A 110 6.55 2.82 -8.59
CA VAL A 110 6.88 3.90 -9.49
C VAL A 110 5.86 3.87 -10.63
N GLY A 111 5.21 5.01 -10.90
CA GLY A 111 4.25 5.10 -12.02
C GLY A 111 2.83 4.69 -11.64
N GLY A 112 2.65 4.14 -10.44
CA GLY A 112 1.36 3.83 -9.88
C GLY A 112 0.53 2.86 -10.70
N LEU A 113 -0.79 2.94 -10.55
CA LEU A 113 -1.71 2.08 -11.26
C LEU A 113 -1.72 2.36 -12.75
N MSE A 114 -1.34 3.55 -13.20
CA MSE A 114 -1.27 3.78 -14.64
C MSE A 114 -0.11 3.01 -15.26
O MSE A 114 -0.24 2.51 -16.36
CB MSE A 114 -1.25 5.27 -14.98
CG MSE A 114 -2.58 6.00 -14.60
SE MSE A 114 -4.19 5.25 -15.43
CE MSE A 114 -4.74 4.12 -14.02
N ALA A 115 1.01 2.86 -14.52
CA ALA A 115 2.09 1.98 -14.98
C ALA A 115 1.64 0.52 -14.96
N TRP A 116 0.87 0.13 -13.93
CA TRP A 116 0.26 -1.19 -13.88
C TRP A 116 -0.58 -1.43 -15.13
N ALA A 117 -1.42 -0.48 -15.47
CA ALA A 117 -2.30 -0.62 -16.65
C ALA A 117 -1.49 -0.66 -17.94
N ALA A 118 -0.43 0.13 -18.02
CA ALA A 118 0.38 0.23 -19.25
C ALA A 118 1.21 -1.04 -19.51
N LYS A 119 1.76 -1.65 -18.44
CA LYS A 119 2.79 -2.70 -18.59
C LYS A 119 2.27 -4.07 -18.15
N ILE A 120 1.39 -4.11 -17.14
CA ILE A 120 1.07 -5.35 -16.47
C ILE A 120 -0.31 -5.89 -16.88
N ASP A 121 -1.33 -5.04 -16.84
CA ASP A 121 -2.67 -5.46 -17.18
C ASP A 121 -3.49 -4.36 -17.79
N GLY A 122 -3.60 -4.37 -19.11
CA GLY A 122 -4.33 -3.36 -19.84
C GLY A 122 -5.82 -3.35 -19.62
N THR A 123 -6.37 -4.32 -18.87
CA THR A 123 -7.79 -4.24 -18.46
C THR A 123 -8.03 -3.32 -17.29
N PHE A 124 -6.96 -2.93 -16.59
CA PHE A 124 -7.14 -1.88 -15.60
C PHE A 124 -7.34 -0.54 -16.33
N PRO A 125 -8.45 0.18 -16.03
CA PRO A 125 -8.82 1.31 -16.92
C PRO A 125 -8.10 2.62 -16.65
N GLN A 126 -8.04 3.49 -17.67
CA GLN A 126 -7.80 4.93 -17.48
C GLN A 126 -9.01 5.55 -16.75
N TYR A 127 -8.80 6.63 -16.00
CA TYR A 127 -9.94 7.34 -15.37
C TYR A 127 -9.58 8.82 -15.05
#